data_1IYP
#
_entry.id   1IYP
#
_cell.length_a   73.229
_cell.length_b   73.229
_cell.length_c   100.229
_cell.angle_alpha   90.00
_cell.angle_beta   90.00
_cell.angle_gamma   120.00
#
_symmetry.space_group_name_H-M   'P 32 2 1'
#
loop_
_entity.id
_entity.type
_entity.pdbx_description
1 polymer 'Toho-1 beta-lactamase'
2 non-polymer 'SULFATE ION'
3 non-polymer 'CEPHALOTHIN GROUP'
4 water water
#
_entity_poly.entity_id   1
_entity_poly.type   'polypeptide(L)'
_entity_poly.pdbx_seq_one_letter_code
;ANSVQQQLEALEKSSGGRLGVALINTADNSQILYRADERFAMCSTSKVMAAAAVLKQSESDKHLLNQRVEIKKSDLVNYN
PIAEKHVNGTMTLAELGAAALQYSDNTAMNKLIAHLGGPDKVTAFARSLGDETFRLDRTAPTLNTAIPGDPRDTTTPLAM
AQTLKNLTLGKALAETQRAQLVTWLKGNTTGSASIRAGLPKSWVVGDKTGSGDYGTTNDIAVIWPENHAPLVLVTYFTQP
EQKAERRRDILAAAAKIVTHGF
;
_entity_poly.pdbx_strand_id   A
#
loop_
_chem_comp.id
_chem_comp.type
_chem_comp.name
_chem_comp.formula
CEP non-polymer 'CEPHALOTHIN GROUP' 'C16 H18 N2 O6 S2'
SO4 non-polymer 'SULFATE ION' 'O4 S -2'
#
# COMPACT_ATOMS: atom_id res chain seq x y z
N SER A 3 0.21 -28.41 -3.75
CA SER A 3 0.01 -27.59 -2.52
C SER A 3 0.11 -26.11 -2.85
N VAL A 4 -0.28 -25.28 -1.89
CA VAL A 4 -0.24 -23.82 -2.07
C VAL A 4 1.17 -23.37 -2.44
N GLN A 5 2.15 -23.87 -1.70
CA GLN A 5 3.54 -23.50 -1.98
C GLN A 5 3.96 -23.89 -3.40
N GLN A 6 3.58 -25.10 -3.81
CA GLN A 6 3.95 -25.57 -5.14
C GLN A 6 3.22 -24.77 -6.22
N GLN A 7 2.03 -24.26 -5.88
CA GLN A 7 1.26 -23.49 -6.83
C GLN A 7 1.86 -22.10 -7.05
N LEU A 8 2.34 -21.49 -5.96
CA LEU A 8 2.94 -20.17 -6.04
C LEU A 8 4.26 -20.20 -6.81
N GLU A 9 5.12 -21.17 -6.50
CA GLU A 9 6.40 -21.25 -7.18
C GLU A 9 6.19 -21.48 -8.67
N ALA A 10 5.15 -22.25 -8.99
CA ALA A 10 4.84 -22.53 -10.40
C ALA A 10 4.37 -21.24 -11.04
N LEU A 11 3.56 -20.48 -10.31
CA LEU A 11 3.08 -19.20 -10.82
C LEU A 11 4.27 -18.29 -11.09
N GLU A 12 5.20 -18.23 -10.13
CA GLU A 12 6.39 -17.40 -10.26
C GLU A 12 7.25 -17.80 -11.44
N LYS A 13 7.47 -19.10 -11.58
CA LYS A 13 8.27 -19.66 -12.65
C LYS A 13 7.77 -19.26 -14.04
N SER A 14 6.47 -19.39 -14.27
CA SER A 14 5.90 -19.06 -15.57
C SER A 14 5.73 -17.56 -15.79
N SER A 15 5.70 -16.79 -14.71
CA SER A 15 5.53 -15.33 -14.78
C SER A 15 6.77 -14.60 -15.30
N GLY A 16 7.94 -15.18 -15.07
CA GLY A 16 9.17 -14.54 -15.51
C GLY A 16 9.69 -13.48 -14.56
N GLY A 17 9.19 -13.46 -13.33
CA GLY A 17 9.66 -12.49 -12.37
C GLY A 17 9.87 -13.07 -10.99
N ARG A 18 9.87 -12.19 -9.99
CA ARG A 18 10.04 -12.56 -8.59
C ARG A 18 8.77 -12.20 -7.84
N LEU A 19 8.16 -13.18 -7.18
CA LEU A 19 6.92 -12.99 -6.44
C LEU A 19 7.09 -13.01 -4.92
N GLY A 20 6.45 -12.07 -4.25
CA GLY A 20 6.53 -12.01 -2.79
C GLY A 20 5.11 -12.00 -2.25
N VAL A 21 4.81 -12.95 -1.36
CA VAL A 21 3.47 -13.06 -0.79
C VAL A 21 3.49 -13.26 0.72
N ALA A 22 2.55 -12.60 1.39
CA ALA A 22 2.43 -12.73 2.83
C ALA A 22 0.97 -12.60 3.20
N LEU A 23 0.38 -13.70 3.66
CA LEU A 23 -1.02 -13.68 4.09
C LEU A 23 -1.13 -14.07 5.55
N ILE A 24 -1.90 -13.28 6.31
CA ILE A 24 -2.12 -13.54 7.73
C ILE A 24 -3.61 -13.78 7.94
N ASN A 25 -3.94 -14.94 8.51
CA ASN A 25 -5.32 -15.29 8.82
C ASN A 25 -5.53 -14.83 10.27
N THR A 26 -6.31 -13.78 10.50
CA THR A 26 -6.50 -13.31 11.87
C THR A 26 -7.35 -14.24 12.74
N ALA A 27 -7.95 -15.25 12.12
CA ALA A 27 -8.78 -16.21 12.85
C ALA A 27 -7.91 -16.95 13.88
N ASP A 28 -6.70 -17.32 13.46
CA ASP A 28 -5.77 -18.06 14.31
C ASP A 28 -4.33 -17.58 14.13
N ASN A 29 -4.19 -16.42 13.50
CA ASN A 29 -2.89 -15.83 13.21
C ASN A 29 -1.93 -16.69 12.39
N SER A 30 -2.47 -17.71 11.72
CA SER A 30 -1.66 -18.56 10.87
C SER A 30 -1.24 -17.75 9.65
N GLN A 31 -0.18 -18.17 8.98
CA GLN A 31 0.31 -17.41 7.83
C GLN A 31 0.71 -18.30 6.64
N ILE A 32 0.72 -17.69 5.46
CA ILE A 32 1.13 -18.32 4.22
C ILE A 32 2.17 -17.35 3.69
N LEU A 33 3.40 -17.82 3.56
CA LEU A 33 4.50 -16.97 3.12
C LEU A 33 5.27 -17.51 1.89
N TYR A 34 5.61 -16.59 0.99
CA TYR A 34 6.39 -16.90 -0.20
C TYR A 34 7.40 -15.76 -0.40
N ARG A 35 8.68 -16.00 -0.13
CA ARG A 35 9.71 -14.96 -0.25
C ARG A 35 9.29 -13.75 0.60
N ALA A 36 8.59 -14.04 1.69
CA ALA A 36 8.07 -13.02 2.60
C ALA A 36 9.13 -12.23 3.36
N ASP A 37 10.35 -12.75 3.42
CA ASP A 37 11.42 -12.06 4.11
C ASP A 37 12.39 -11.38 3.15
N GLU A 38 12.00 -11.27 1.88
CA GLU A 38 12.84 -10.61 0.86
C GLU A 38 12.35 -9.20 0.63
N ARG A 39 13.28 -8.28 0.33
CA ARG A 39 12.91 -6.89 0.12
C ARG A 39 12.42 -6.64 -1.30
N PHE A 40 11.43 -5.75 -1.41
CA PHE A 40 10.83 -5.35 -2.68
C PHE A 40 10.59 -3.85 -2.61
N ALA A 41 10.62 -3.19 -3.76
CA ALA A 41 10.34 -1.76 -3.81
C ALA A 41 8.82 -1.64 -3.56
N MET A 42 8.44 -0.83 -2.56
CA MET A 42 7.03 -0.65 -2.21
C MET A 42 6.24 0.12 -3.24
N CYS A 43 6.90 1.08 -3.89
CA CYS A 43 6.25 1.93 -4.87
C CYS A 43 5.12 2.69 -4.17
N SER A 44 3.99 2.87 -4.82
CA SER A 44 2.90 3.64 -4.21
C SER A 44 2.24 2.97 -3.00
N THR A 45 2.57 1.73 -2.69
CA THR A 45 1.93 1.13 -1.52
C THR A 45 2.47 1.78 -0.25
N SER A 46 3.55 2.55 -0.38
CA SER A 46 4.14 3.23 0.76
C SER A 46 3.28 4.42 1.22
N LYS A 47 2.30 4.80 0.41
CA LYS A 47 1.44 5.92 0.74
C LYS A 47 0.60 5.67 1.99
N VAL A 48 0.30 4.40 2.25
CA VAL A 48 -0.49 4.05 3.42
C VAL A 48 0.22 4.47 4.71
N MET A 49 1.55 4.33 4.71
CA MET A 49 2.34 4.71 5.88
C MET A 49 2.37 6.23 6.05
N ALA A 50 2.37 6.97 4.94
CA ALA A 50 2.38 8.42 5.01
C ALA A 50 1.04 8.95 5.53
N ALA A 51 -0.05 8.41 4.99
CA ALA A 51 -1.38 8.80 5.41
C ALA A 51 -1.59 8.47 6.90
N ALA A 52 -1.17 7.27 7.30
CA ALA A 52 -1.30 6.82 8.68
C ALA A 52 -0.50 7.70 9.63
N ALA A 53 0.62 8.21 9.15
CA ALA A 53 1.47 9.06 9.96
C ALA A 53 0.74 10.36 10.30
N VAL A 54 -0.01 10.88 9.33
CA VAL A 54 -0.75 12.10 9.55
C VAL A 54 -1.93 11.81 10.49
N LEU A 55 -2.53 10.64 10.37
CA LEU A 55 -3.65 10.29 11.25
C LEU A 55 -3.18 10.21 12.70
N LYS A 56 -1.98 9.68 12.91
CA LYS A 56 -1.44 9.57 14.27
C LYS A 56 -1.29 10.95 14.89
N GLN A 57 -0.88 11.92 14.09
CA GLN A 57 -0.71 13.28 14.58
C GLN A 57 -2.08 13.89 14.92
N SER A 58 -3.08 13.59 14.09
CA SER A 58 -4.42 14.13 14.31
C SER A 58 -5.02 13.67 15.62
N GLU A 59 -4.43 12.63 16.23
CA GLU A 59 -4.90 12.11 17.50
C GLU A 59 -4.60 13.12 18.61
N SER A 60 -3.68 14.04 18.32
CA SER A 60 -3.27 15.06 19.27
C SER A 60 -3.49 16.46 18.76
N ASP A 61 -4.21 16.59 17.65
CA ASP A 61 -4.51 17.90 17.09
C ASP A 61 -5.80 17.80 16.30
N LYS A 62 -6.89 18.19 16.96
CA LYS A 62 -8.22 18.14 16.37
C LYS A 62 -8.38 19.09 15.18
N HIS A 63 -7.36 19.89 14.90
CA HIS A 63 -7.40 20.84 13.80
C HIS A 63 -6.69 20.36 12.55
N LEU A 64 -5.72 19.48 12.74
CA LEU A 64 -4.91 18.97 11.64
C LEU A 64 -5.61 18.55 10.35
N LEU A 65 -6.44 17.52 10.42
CA LEU A 65 -7.12 17.00 9.23
C LEU A 65 -7.86 18.00 8.34
N ASN A 66 -8.39 19.08 8.91
CA ASN A 66 -9.10 20.06 8.10
C ASN A 66 -8.23 21.22 7.68
N GLN A 67 -6.97 21.20 8.10
CA GLN A 67 -6.04 22.26 7.73
C GLN A 67 -5.95 22.30 6.20
N ARG A 68 -5.59 23.45 5.66
CA ARG A 68 -5.48 23.60 4.21
C ARG A 68 -4.08 23.76 3.65
N VAL A 69 -3.91 23.27 2.43
CA VAL A 69 -2.65 23.36 1.70
C VAL A 69 -3.07 23.84 0.31
N GLU A 70 -2.30 24.76 -0.26
CA GLU A 70 -2.63 25.30 -1.57
C GLU A 70 -1.96 24.51 -2.69
N ILE A 71 -2.76 24.19 -3.70
CA ILE A 71 -2.29 23.43 -4.84
C ILE A 71 -1.90 24.32 -6.02
N LYS A 72 -0.59 24.48 -6.21
CA LYS A 72 -0.06 25.28 -7.30
C LYS A 72 0.07 24.41 -8.54
N LYS A 73 0.45 25.01 -9.66
CA LYS A 73 0.60 24.25 -10.90
C LYS A 73 1.97 23.56 -10.87
N SER A 74 2.86 24.08 -10.03
CA SER A 74 4.22 23.55 -9.88
C SER A 74 4.27 22.34 -8.96
N ASP A 75 3.13 21.99 -8.36
CA ASP A 75 3.06 20.84 -7.48
C ASP A 75 2.77 19.60 -8.30
N LEU A 76 2.13 19.79 -9.44
CA LEU A 76 1.77 18.67 -10.30
C LEU A 76 3.00 17.93 -10.82
N VAL A 77 3.02 16.60 -10.65
CA VAL A 77 4.12 15.77 -11.12
C VAL A 77 3.66 14.88 -12.27
N ASN A 78 4.05 13.61 -12.25
CA ASN A 78 3.68 12.70 -13.33
C ASN A 78 2.24 12.20 -13.30
N TYR A 79 1.65 12.16 -12.13
CA TYR A 79 0.27 11.67 -11.99
C TYR A 79 -0.43 12.32 -10.80
N ASN A 80 -1.51 13.04 -11.08
CA ASN A 80 -2.28 13.73 -10.05
C ASN A 80 -3.67 14.10 -10.57
N PRO A 81 -4.51 13.09 -10.84
CA PRO A 81 -5.88 13.24 -11.36
C PRO A 81 -6.83 14.04 -10.47
N ILE A 82 -6.55 14.09 -9.17
CA ILE A 82 -7.42 14.82 -8.27
C ILE A 82 -6.85 16.19 -7.91
N ALA A 83 -5.55 16.26 -7.63
CA ALA A 83 -4.92 17.53 -7.27
C ALA A 83 -4.95 18.53 -8.40
N GLU A 84 -5.03 18.04 -9.64
CA GLU A 84 -5.08 18.89 -10.82
C GLU A 84 -6.37 19.73 -10.78
N LYS A 85 -7.48 19.08 -10.43
CA LYS A 85 -8.78 19.73 -10.34
C LYS A 85 -8.80 20.85 -9.31
N HIS A 86 -7.71 21.01 -8.56
CA HIS A 86 -7.65 22.04 -7.53
C HIS A 86 -6.46 23.01 -7.63
N VAL A 87 -5.96 23.20 -8.84
CA VAL A 87 -4.84 24.12 -9.03
C VAL A 87 -5.40 25.54 -8.84
N ASN A 88 -4.70 26.32 -8.02
CA ASN A 88 -5.08 27.69 -7.67
C ASN A 88 -6.07 27.69 -6.51
N GLY A 89 -6.38 26.50 -5.99
CA GLY A 89 -7.28 26.36 -4.87
C GLY A 89 -6.54 25.72 -3.71
N THR A 90 -7.26 25.04 -2.81
CA THR A 90 -6.62 24.39 -1.67
C THR A 90 -7.20 23.01 -1.43
N MET A 91 -6.50 22.21 -0.64
CA MET A 91 -6.94 20.86 -0.30
C MET A 91 -6.61 20.61 1.16
N THR A 92 -7.56 20.04 1.90
CA THR A 92 -7.32 19.76 3.31
C THR A 92 -6.46 18.51 3.41
N LEU A 93 -5.80 18.34 4.54
CA LEU A 93 -4.95 17.17 4.74
C LEU A 93 -5.77 15.90 4.57
N ALA A 94 -7.04 15.96 4.96
CA ALA A 94 -7.92 14.82 4.83
C ALA A 94 -8.15 14.52 3.35
N GLU A 95 -8.46 15.54 2.57
CA GLU A 95 -8.69 15.38 1.14
C GLU A 95 -7.45 14.88 0.41
N LEU A 96 -6.28 15.25 0.91
CA LEU A 96 -5.04 14.82 0.32
C LEU A 96 -4.84 13.35 0.65
N GLY A 97 -5.22 12.95 1.86
CA GLY A 97 -5.09 11.57 2.26
C GLY A 97 -5.97 10.71 1.37
N ALA A 98 -7.17 11.21 1.09
CA ALA A 98 -8.13 10.51 0.25
C ALA A 98 -7.62 10.34 -1.18
N ALA A 99 -7.13 11.43 -1.77
CA ALA A 99 -6.62 11.39 -3.13
C ALA A 99 -5.41 10.46 -3.26
N ALA A 100 -4.46 10.59 -2.34
CA ALA A 100 -3.28 9.76 -2.34
C ALA A 100 -3.61 8.27 -2.28
N LEU A 101 -4.58 7.88 -1.46
CA LEU A 101 -4.93 6.47 -1.34
C LEU A 101 -5.94 5.90 -2.32
N GLN A 102 -7.03 6.63 -2.58
CA GLN A 102 -8.07 6.13 -3.48
C GLN A 102 -7.85 6.37 -4.98
N TYR A 103 -6.97 7.30 -5.32
CA TYR A 103 -6.67 7.56 -6.72
C TYR A 103 -5.17 7.50 -6.98
N SER A 104 -4.41 7.23 -5.92
CA SER A 104 -2.95 7.15 -5.99
C SER A 104 -2.36 8.41 -6.63
N ASP A 105 -2.86 9.55 -6.17
CA ASP A 105 -2.42 10.86 -6.65
C ASP A 105 -1.02 11.12 -6.07
N ASN A 106 -0.01 11.26 -6.93
CA ASN A 106 1.35 11.47 -6.46
C ASN A 106 1.60 12.85 -5.83
N THR A 107 0.90 13.87 -6.32
CA THR A 107 1.07 15.20 -5.74
C THR A 107 0.57 15.15 -4.29
N ALA A 108 -0.58 14.48 -4.10
CA ALA A 108 -1.18 14.33 -2.77
C ALA A 108 -0.20 13.66 -1.80
N MET A 109 0.48 12.63 -2.27
CA MET A 109 1.46 11.92 -1.45
C MET A 109 2.56 12.89 -1.00
N ASN A 110 3.12 13.63 -1.95
CA ASN A 110 4.19 14.58 -1.65
C ASN A 110 3.81 15.65 -0.62
N LYS A 111 2.59 16.16 -0.72
CA LYS A 111 2.16 17.15 0.25
C LYS A 111 2.20 16.50 1.63
N LEU A 112 1.69 15.27 1.74
CA LEU A 112 1.68 14.58 3.02
C LEU A 112 3.10 14.42 3.55
N ILE A 113 4.04 14.04 2.68
CA ILE A 113 5.43 13.87 3.09
C ILE A 113 5.98 15.21 3.56
N ALA A 114 5.69 16.26 2.79
CA ALA A 114 6.14 17.61 3.11
C ALA A 114 5.64 18.01 4.50
N HIS A 115 4.34 17.89 4.71
CA HIS A 115 3.76 18.23 5.99
C HIS A 115 4.39 17.48 7.16
N LEU A 116 4.76 16.23 6.95
CA LEU A 116 5.39 15.42 7.99
C LEU A 116 6.84 15.80 8.21
N GLY A 117 7.43 16.49 7.24
CA GLY A 117 8.82 16.88 7.39
C GLY A 117 9.82 16.02 6.64
N GLY A 118 9.36 15.31 5.63
CA GLY A 118 10.26 14.48 4.85
C GLY A 118 10.14 12.98 5.03
N PRO A 119 10.61 12.20 4.04
CA PRO A 119 10.60 10.73 4.03
C PRO A 119 11.15 10.10 5.29
N ASP A 120 12.20 10.68 5.85
CA ASP A 120 12.82 10.15 7.05
C ASP A 120 11.84 10.11 8.23
N LYS A 121 10.88 11.03 8.22
CA LYS A 121 9.89 11.11 9.29
C LYS A 121 8.89 9.96 9.16
N VAL A 122 8.57 9.58 7.92
CA VAL A 122 7.65 8.48 7.69
C VAL A 122 8.31 7.19 8.21
N THR A 123 9.62 7.09 8.01
CA THR A 123 10.36 5.92 8.47
C THR A 123 10.31 5.85 10.00
N ALA A 124 10.47 6.99 10.66
CA ALA A 124 10.42 7.04 12.12
C ALA A 124 9.02 6.63 12.62
N PHE A 125 7.98 7.03 11.89
CA PHE A 125 6.62 6.65 12.27
C PHE A 125 6.48 5.13 12.19
N ALA A 126 7.02 4.55 11.11
CA ALA A 126 6.95 3.11 10.93
C ALA A 126 7.65 2.40 12.08
N ARG A 127 8.79 2.98 12.50
CA ARG A 127 9.58 2.42 13.60
C ARG A 127 8.78 2.43 14.91
N SER A 128 8.07 3.54 15.15
CA SER A 128 7.26 3.69 16.35
C SER A 128 6.16 2.64 16.39
N LEU A 129 5.84 2.06 15.24
CA LEU A 129 4.81 1.03 15.17
C LEU A 129 5.39 -0.36 15.35
N GLY A 130 6.72 -0.44 15.46
CA GLY A 130 7.35 -1.73 15.63
C GLY A 130 7.79 -2.36 14.32
N ASP A 131 7.78 -1.56 13.26
CA ASP A 131 8.19 -2.03 11.94
C ASP A 131 9.63 -1.61 11.76
N GLU A 132 10.54 -2.58 11.86
CA GLU A 132 11.96 -2.30 11.75
C GLU A 132 12.49 -2.58 10.34
N THR A 133 11.58 -2.84 9.41
CA THR A 133 11.96 -3.15 8.02
C THR A 133 11.72 -2.01 7.04
N PHE A 134 10.51 -1.44 7.11
CA PHE A 134 10.11 -0.33 6.25
C PHE A 134 11.12 0.82 6.20
N ARG A 135 11.29 1.41 5.02
CA ARG A 135 12.17 2.56 4.84
C ARG A 135 11.76 3.39 3.62
N LEU A 136 11.46 4.66 3.84
CA LEU A 136 11.08 5.56 2.75
C LEU A 136 12.26 6.50 2.59
N ASP A 137 12.79 6.58 1.38
CA ASP A 137 13.96 7.41 1.11
C ASP A 137 13.70 8.57 0.16
N ARG A 138 12.68 8.46 -0.69
CA ARG A 138 12.40 9.52 -1.64
C ARG A 138 10.94 9.92 -1.77
N THR A 139 10.70 11.00 -2.51
CA THR A 139 9.36 11.47 -2.75
C THR A 139 8.88 10.85 -4.05
N ALA A 140 7.71 11.28 -4.52
CA ALA A 140 7.17 10.77 -5.78
C ALA A 140 7.67 11.69 -6.88
N PRO A 141 7.91 11.14 -8.08
CA PRO A 141 7.74 9.74 -8.47
C PRO A 141 9.01 8.87 -8.40
N THR A 142 10.14 9.46 -8.03
CA THR A 142 11.38 8.68 -7.99
C THR A 142 11.37 7.51 -7.02
N LEU A 143 10.44 7.49 -6.07
CA LEU A 143 10.40 6.38 -5.15
C LEU A 143 9.89 5.11 -5.85
N ASN A 144 9.57 5.24 -7.13
CA ASN A 144 9.04 4.14 -7.93
C ASN A 144 10.02 3.55 -8.96
N THR A 145 11.31 3.87 -8.87
CA THR A 145 12.26 3.34 -9.85
C THR A 145 12.40 1.83 -9.73
N ALA A 146 12.18 1.31 -8.53
CA ALA A 146 12.24 -0.12 -8.25
C ALA A 146 13.40 -0.86 -8.89
N ILE A 147 14.60 -0.31 -8.76
CA ILE A 147 15.80 -0.92 -9.33
C ILE A 147 16.18 -2.16 -8.54
N PRO A 148 16.41 -3.30 -9.23
CA PRO A 148 16.78 -4.53 -8.54
C PRO A 148 17.96 -4.36 -7.58
N GLY A 149 17.79 -4.87 -6.37
CA GLY A 149 18.84 -4.80 -5.36
C GLY A 149 18.99 -3.46 -4.66
N ASP A 150 18.22 -2.46 -5.09
CA ASP A 150 18.26 -1.12 -4.49
C ASP A 150 17.46 -1.17 -3.19
N PRO A 151 18.08 -0.85 -2.05
CA PRO A 151 17.39 -0.88 -0.76
C PRO A 151 16.40 0.27 -0.53
N ARG A 152 16.54 1.35 -1.29
CA ARG A 152 15.68 2.51 -1.11
C ARG A 152 14.20 2.22 -1.32
N ASP A 153 13.39 2.80 -0.44
CA ASP A 153 11.94 2.66 -0.49
C ASP A 153 11.46 1.22 -0.61
N THR A 154 11.97 0.35 0.26
CA THR A 154 11.59 -1.05 0.25
C THR A 154 11.10 -1.53 1.62
N THR A 155 10.63 -2.76 1.63
CA THR A 155 10.17 -3.44 2.84
C THR A 155 9.99 -4.90 2.43
N THR A 156 9.55 -5.74 3.35
CA THR A 156 9.34 -7.15 3.04
C THR A 156 7.84 -7.43 3.06
N PRO A 157 7.42 -8.52 2.41
CA PRO A 157 5.98 -8.82 2.42
C PRO A 157 5.44 -9.05 3.83
N LEU A 158 6.16 -9.85 4.62
CA LEU A 158 5.72 -10.12 5.99
C LEU A 158 5.66 -8.86 6.83
N ALA A 159 6.67 -8.00 6.72
CA ALA A 159 6.70 -6.77 7.49
C ALA A 159 5.50 -5.89 7.14
N MET A 160 5.25 -5.68 5.86
CA MET A 160 4.13 -4.84 5.46
C MET A 160 2.78 -5.48 5.86
N ALA A 161 2.73 -6.80 5.86
CA ALA A 161 1.50 -7.49 6.25
C ALA A 161 1.24 -7.27 7.74
N GLN A 162 2.29 -7.42 8.55
CA GLN A 162 2.17 -7.23 10.01
C GLN A 162 1.74 -5.80 10.33
N THR A 163 2.36 -4.84 9.66
CA THR A 163 2.05 -3.44 9.89
C THR A 163 0.68 -3.05 9.37
N LEU A 164 0.27 -3.59 8.22
CA LEU A 164 -1.05 -3.23 7.69
C LEU A 164 -2.11 -3.75 8.64
N LYS A 165 -1.82 -4.88 9.29
CA LYS A 165 -2.74 -5.48 10.23
C LYS A 165 -2.88 -4.58 11.46
N ASN A 166 -1.75 -4.12 12.00
CA ASN A 166 -1.76 -3.25 13.17
C ASN A 166 -2.51 -1.94 12.90
N LEU A 167 -2.31 -1.40 11.70
CA LEU A 167 -2.96 -0.15 11.31
C LEU A 167 -4.47 -0.22 11.13
N THR A 168 -4.94 -1.29 10.49
CA THR A 168 -6.36 -1.43 10.22
C THR A 168 -7.18 -2.27 11.19
N LEU A 169 -6.53 -3.20 11.89
CA LEU A 169 -7.27 -4.06 12.81
C LEU A 169 -6.65 -4.13 14.21
N GLY A 170 -5.52 -3.44 14.43
CA GLY A 170 -4.90 -3.49 15.74
C GLY A 170 -4.61 -2.22 16.51
N LYS A 171 -3.50 -2.25 17.26
CA LYS A 171 -3.01 -1.20 18.16
C LYS A 171 -2.49 0.13 17.59
N ALA A 172 -2.13 0.14 16.31
CA ALA A 172 -1.51 1.30 15.66
C ALA A 172 -2.20 2.66 15.83
N LEU A 173 -3.50 2.72 15.53
CA LEU A 173 -4.24 3.96 15.60
C LEU A 173 -5.44 3.94 16.53
N ALA A 174 -5.79 5.13 17.00
CA ALA A 174 -6.95 5.33 17.86
C ALA A 174 -8.16 4.95 17.03
N GLU A 175 -9.24 4.53 17.69
CA GLU A 175 -10.42 4.08 16.98
C GLU A 175 -10.92 4.95 15.83
N THR A 176 -11.08 6.25 16.04
CA THR A 176 -11.59 7.10 14.96
C THR A 176 -10.66 7.16 13.74
N GLN A 177 -9.36 7.29 14.00
CA GLN A 177 -8.36 7.36 12.94
C GLN A 177 -8.29 6.04 12.18
N ARG A 178 -8.24 4.95 12.94
CA ARG A 178 -8.20 3.60 12.38
C ARG A 178 -9.39 3.41 11.45
N ALA A 179 -10.56 3.88 11.88
CA ALA A 179 -11.77 3.75 11.08
C ALA A 179 -11.67 4.61 9.81
N GLN A 180 -10.98 5.74 9.91
CA GLN A 180 -10.81 6.62 8.76
C GLN A 180 -9.91 5.93 7.74
N LEU A 181 -8.80 5.37 8.21
CA LEU A 181 -7.88 4.66 7.30
C LEU A 181 -8.66 3.57 6.56
N VAL A 182 -9.40 2.76 7.30
CA VAL A 182 -10.17 1.69 6.69
C VAL A 182 -11.15 2.19 5.63
N THR A 183 -11.82 3.31 5.92
CA THR A 183 -12.77 3.86 4.99
C THR A 183 -12.06 4.24 3.69
N TRP A 184 -10.87 4.82 3.81
CA TRP A 184 -10.10 5.23 2.64
C TRP A 184 -9.72 4.02 1.80
N LEU A 185 -9.20 2.98 2.45
CA LEU A 185 -8.79 1.77 1.74
C LEU A 185 -9.94 1.09 1.00
N LYS A 186 -11.10 0.98 1.66
CA LYS A 186 -12.28 0.36 1.04
C LYS A 186 -12.75 1.13 -0.20
N GLY A 187 -12.54 2.44 -0.19
CA GLY A 187 -12.97 3.25 -1.32
C GLY A 187 -11.95 3.36 -2.43
N ASN A 188 -10.90 2.55 -2.40
CA ASN A 188 -9.89 2.61 -3.46
C ASN A 188 -10.50 2.29 -4.83
N THR A 189 -10.11 3.05 -5.85
CA THR A 189 -10.63 2.85 -7.21
C THR A 189 -9.62 2.28 -8.21
N THR A 190 -8.36 2.16 -7.79
CA THR A 190 -7.29 1.66 -8.65
C THR A 190 -6.93 0.18 -8.59
N GLY A 191 -7.70 -0.66 -7.90
CA GLY A 191 -7.28 -2.04 -7.86
C GLY A 191 -8.23 -3.15 -8.26
N SER A 192 -9.14 -2.90 -9.20
CA SER A 192 -10.08 -3.93 -9.57
C SER A 192 -9.41 -5.14 -10.26
N ALA A 193 -8.32 -4.90 -10.99
CA ALA A 193 -7.66 -5.99 -11.70
C ALA A 193 -6.62 -6.73 -10.88
N SER A 194 -6.34 -6.26 -9.66
CA SER A 194 -5.35 -6.90 -8.79
C SER A 194 -5.93 -7.90 -7.81
N ILE A 195 -5.60 -7.76 -6.53
CA ILE A 195 -6.10 -8.70 -5.52
C ILE A 195 -7.62 -8.93 -5.58
N ARG A 196 -8.39 -7.85 -5.70
CA ARG A 196 -9.85 -7.96 -5.75
C ARG A 196 -10.33 -8.92 -6.84
N ALA A 197 -9.63 -8.91 -7.97
CA ALA A 197 -9.99 -9.78 -9.09
C ALA A 197 -9.82 -11.26 -8.77
N GLY A 198 -9.06 -11.58 -7.73
CA GLY A 198 -8.87 -12.98 -7.39
C GLY A 198 -9.71 -13.48 -6.23
N LEU A 199 -10.66 -12.68 -5.77
CA LEU A 199 -11.50 -13.03 -4.63
C LEU A 199 -12.99 -13.10 -4.95
N PRO A 200 -13.77 -13.79 -4.10
CA PRO A 200 -15.22 -13.89 -4.33
C PRO A 200 -15.80 -12.47 -4.44
N LYS A 201 -16.74 -12.28 -5.35
CA LYS A 201 -17.36 -10.97 -5.58
C LYS A 201 -18.01 -10.31 -4.36
N SER A 202 -18.47 -11.12 -3.42
CA SER A 202 -19.15 -10.61 -2.24
C SER A 202 -18.24 -10.11 -1.10
N TRP A 203 -16.99 -10.54 -1.09
CA TRP A 203 -16.05 -10.14 -0.06
C TRP A 203 -15.76 -8.64 -0.04
N VAL A 204 -15.71 -8.06 1.15
CA VAL A 204 -15.42 -6.64 1.29
C VAL A 204 -13.91 -6.47 1.34
N VAL A 205 -13.39 -5.54 0.55
CA VAL A 205 -11.95 -5.33 0.46
C VAL A 205 -11.48 -3.87 0.49
N GLY A 206 -10.37 -3.64 1.18
CA GLY A 206 -9.76 -2.32 1.27
C GLY A 206 -8.34 -2.55 0.79
N ASP A 207 -7.83 -1.76 -0.15
CA ASP A 207 -6.46 -2.00 -0.62
C ASP A 207 -5.76 -0.76 -1.16
N LYS A 208 -4.47 -0.93 -1.41
CA LYS A 208 -3.62 0.13 -1.98
C LYS A 208 -2.66 -0.54 -2.95
N THR A 209 -2.77 -0.17 -4.22
CA THR A 209 -1.91 -0.73 -5.25
C THR A 209 -0.62 0.07 -5.41
N GLY A 210 0.24 -0.43 -6.30
CA GLY A 210 1.50 0.24 -6.59
C GLY A 210 1.99 -0.26 -7.94
N SER A 211 2.70 0.59 -8.67
CA SER A 211 3.22 0.20 -9.98
C SER A 211 4.43 1.06 -10.31
N GLY A 212 5.53 0.41 -10.69
CA GLY A 212 6.73 1.15 -11.02
C GLY A 212 7.53 0.57 -12.16
N ASP A 213 8.81 0.93 -12.23
CA ASP A 213 9.68 0.41 -13.27
C ASP A 213 9.97 -1.07 -12.99
N TYR A 214 10.56 -1.74 -13.98
CA TYR A 214 10.88 -3.15 -13.88
C TYR A 214 9.59 -3.93 -13.71
N GLY A 215 8.55 -3.42 -14.36
CA GLY A 215 7.24 -4.04 -14.31
C GLY A 215 6.82 -4.39 -12.90
N THR A 216 7.19 -3.56 -11.95
CA THR A 216 6.84 -3.80 -10.55
C THR A 216 5.35 -3.57 -10.34
N THR A 217 4.67 -4.63 -9.88
CA THR A 217 3.23 -4.60 -9.65
C THR A 217 2.92 -5.05 -8.23
N ASN A 218 2.34 -4.14 -7.44
CA ASN A 218 2.04 -4.44 -6.04
C ASN A 218 0.61 -4.17 -5.60
N ASP A 219 0.26 -4.74 -4.45
CA ASP A 219 -1.05 -4.56 -3.84
C ASP A 219 -1.03 -5.16 -2.42
N ILE A 220 -1.52 -4.39 -1.47
CA ILE A 220 -1.61 -4.83 -0.08
C ILE A 220 -3.07 -4.58 0.29
N ALA A 221 -3.70 -5.55 0.98
CA ALA A 221 -5.11 -5.38 1.30
C ALA A 221 -5.59 -6.09 2.56
N VAL A 222 -6.74 -5.62 3.03
CA VAL A 222 -7.42 -6.19 4.18
C VAL A 222 -8.70 -6.76 3.61
N ILE A 223 -8.94 -8.04 3.88
CA ILE A 223 -10.11 -8.72 3.35
C ILE A 223 -11.10 -9.19 4.41
N TRP A 224 -12.37 -8.86 4.21
CA TRP A 224 -13.44 -9.24 5.12
C TRP A 224 -14.39 -10.26 4.49
N PRO A 225 -14.19 -11.55 4.78
CA PRO A 225 -15.06 -12.59 4.22
C PRO A 225 -16.46 -12.46 4.85
N GLU A 226 -17.45 -13.13 4.27
CA GLU A 226 -18.83 -13.09 4.76
C GLU A 226 -19.05 -13.78 6.10
N ASN A 227 -18.35 -14.89 6.32
CA ASN A 227 -18.51 -15.67 7.55
C ASN A 227 -17.21 -16.08 8.23
N HIS A 228 -16.15 -15.29 8.08
CA HIS A 228 -14.87 -15.60 8.69
C HIS A 228 -14.12 -14.34 9.14
N ALA A 229 -13.15 -14.52 10.04
CA ALA A 229 -12.34 -13.41 10.54
C ALA A 229 -11.59 -12.81 9.34
N PRO A 230 -11.13 -11.56 9.46
CA PRO A 230 -10.40 -10.89 8.37
C PRO A 230 -9.07 -11.56 7.97
N LEU A 231 -8.61 -11.25 6.76
CA LEU A 231 -7.34 -11.75 6.25
C LEU A 231 -6.57 -10.53 5.77
N VAL A 232 -5.27 -10.50 6.04
CA VAL A 232 -4.44 -9.39 5.58
C VAL A 232 -3.52 -9.97 4.51
N LEU A 233 -3.48 -9.36 3.34
CA LEU A 233 -2.65 -9.88 2.25
C LEU A 233 -1.79 -8.85 1.52
N VAL A 234 -0.53 -9.21 1.30
CA VAL A 234 0.43 -8.38 0.57
C VAL A 234 0.96 -9.21 -0.60
N THR A 235 0.82 -8.68 -1.81
CA THR A 235 1.33 -9.36 -3.00
C THR A 235 2.20 -8.37 -3.78
N TYR A 236 3.50 -8.66 -3.83
CA TYR A 236 4.46 -7.85 -4.54
C TYR A 236 5.05 -8.66 -5.67
N PHE A 237 5.27 -8.00 -6.80
CA PHE A 237 5.85 -8.69 -7.95
C PHE A 237 6.80 -7.74 -8.71
N THR A 238 7.95 -8.23 -9.14
CA THR A 238 8.89 -7.38 -9.87
C THR A 238 9.65 -8.21 -10.91
N GLN A 239 10.09 -7.54 -11.97
CA GLN A 239 10.77 -8.22 -13.07
C GLN A 239 12.21 -7.78 -13.35
N PRO A 240 12.95 -8.60 -14.12
CA PRO A 240 14.36 -8.38 -14.50
C PRO A 240 14.68 -7.20 -15.44
N GLU A 241 13.78 -6.87 -16.36
CA GLU A 241 14.04 -5.78 -17.29
C GLU A 241 13.31 -4.47 -16.93
N GLN A 242 14.02 -3.36 -17.09
CA GLN A 242 13.51 -2.06 -16.73
C GLN A 242 12.18 -1.67 -17.34
N LYS A 243 11.90 -2.08 -18.58
CA LYS A 243 10.63 -1.69 -19.19
C LYS A 243 9.60 -2.81 -19.34
N ALA A 244 9.65 -3.79 -18.45
CA ALA A 244 8.68 -4.89 -18.50
C ALA A 244 7.28 -4.35 -18.21
N GLU A 245 6.27 -5.02 -18.73
CA GLU A 245 4.89 -4.59 -18.51
C GLU A 245 4.47 -5.01 -17.11
N ARG A 246 3.49 -4.30 -16.53
CA ARG A 246 3.03 -4.72 -15.21
C ARG A 246 2.16 -5.95 -15.39
N ARG A 247 2.01 -6.73 -14.33
CA ARG A 247 1.23 -7.94 -14.41
C ARG A 247 0.23 -8.03 -13.25
N ARG A 248 -0.74 -7.14 -13.24
CA ARG A 248 -1.75 -7.15 -12.19
C ARG A 248 -2.44 -8.51 -12.12
N ASP A 249 -2.49 -9.20 -13.26
CA ASP A 249 -3.12 -10.50 -13.31
C ASP A 249 -2.37 -11.55 -12.49
N ILE A 250 -1.08 -11.32 -12.25
CA ILE A 250 -0.29 -12.26 -11.44
C ILE A 250 -0.69 -12.11 -9.98
N LEU A 251 -1.01 -10.87 -9.59
CA LEU A 251 -1.42 -10.59 -8.22
C LEU A 251 -2.79 -11.23 -7.96
N ALA A 252 -3.68 -11.11 -8.94
CA ALA A 252 -5.02 -11.70 -8.84
C ALA A 252 -4.88 -13.22 -8.68
N ALA A 253 -4.00 -13.81 -9.49
CA ALA A 253 -3.75 -15.25 -9.45
C ALA A 253 -3.19 -15.70 -8.10
N ALA A 254 -2.25 -14.91 -7.57
CA ALA A 254 -1.66 -15.23 -6.27
C ALA A 254 -2.73 -15.17 -5.17
N ALA A 255 -3.57 -14.14 -5.22
CA ALA A 255 -4.64 -13.95 -4.24
C ALA A 255 -5.62 -15.11 -4.24
N LYS A 256 -5.96 -15.60 -5.44
CA LYS A 256 -6.90 -16.71 -5.55
C LYS A 256 -6.28 -17.97 -4.99
N ILE A 257 -4.99 -18.17 -5.28
CA ILE A 257 -4.27 -19.35 -4.79
C ILE A 257 -4.24 -19.40 -3.26
N VAL A 258 -3.85 -18.30 -2.62
CA VAL A 258 -3.76 -18.27 -1.16
C VAL A 258 -5.06 -18.14 -0.37
N THR A 259 -6.12 -17.64 -0.98
CA THR A 259 -7.37 -17.50 -0.24
C THR A 259 -8.31 -18.68 -0.39
N HIS A 260 -7.89 -19.65 -1.21
CA HIS A 260 -8.69 -20.84 -1.43
C HIS A 260 -8.95 -21.54 -0.09
N GLY A 261 -10.21 -21.58 0.34
CA GLY A 261 -10.51 -22.23 1.60
C GLY A 261 -11.08 -21.35 2.69
N PHE A 262 -11.14 -20.05 2.44
CA PHE A 262 -11.68 -19.11 3.42
C PHE A 262 -13.06 -18.62 2.96
S SO4 B . 1.05 -1.59 -18.02
O1 SO4 B . 2.43 -2.12 -18.07
O2 SO4 B . 0.70 -1.26 -16.63
O3 SO4 B . 0.12 -2.62 -18.54
O4 SO4 B . 0.96 -0.37 -18.85
S SO4 C . -2.82 -6.45 -16.24
O1 SO4 C . -2.32 -7.84 -16.12
O2 SO4 C . -2.73 -5.99 -17.64
O3 SO4 C . -2.00 -5.55 -15.42
O4 SO4 C . -4.23 -6.43 -15.77
S SO4 D . -17.25 -16.78 3.45
O1 SO4 D . -16.04 -17.37 2.80
O2 SO4 D . -16.89 -16.35 4.82
O3 SO4 D . -18.34 -17.79 3.51
O4 SO4 D . -17.74 -15.62 2.67
S1 CEP E . 0.91 6.29 -10.51
C2 CEP E . -0.88 6.00 -10.66
C3 CEP E . -1.50 4.76 -10.03
C3' CEP E . -2.80 4.54 -10.16
C4 CEP E . -0.65 3.75 -9.23
C4' CEP E . -1.10 2.42 -8.66
O4A CEP E . -1.65 2.45 -7.55
O4B CEP E . -0.87 1.37 -9.30
N5 CEP E . 0.60 4.06 -8.99
C6 CEP E . 1.14 5.40 -8.96
C7 CEP E . 2.62 5.34 -8.52
C8 CEP E . 2.75 4.28 -7.41
O9 CEP E . 3.13 3.14 -7.48
N10 CEP E . 3.46 4.93 -9.68
C11 CEP E . 4.16 5.80 -10.44
O12 CEP E . 4.16 6.99 -10.23
C13 CEP E . 4.91 5.09 -11.56
C14 CEP E . 6.36 5.26 -11.88
C15 CEP E . 7.15 4.31 -12.51
C16 CEP E . 8.48 4.90 -12.53
C17 CEP E . 8.62 6.10 -12.06
S19 CEP E . 7.14 6.65 -11.50
#